data_5J9M
#
_entry.id   5J9M
#
_cell.length_a   90.971
_cell.length_b   64.946
_cell.length_c   70.662
_cell.angle_alpha   90.00
_cell.angle_beta   96.30
_cell.angle_gamma   90.00
#
_symmetry.space_group_name_H-M   'C 1 2 1'
#
loop_
_entity.id
_entity.type
_entity.pdbx_description
1 polymer 'Queuine tRNA-ribosyltransferase'
2 non-polymer 2-(methylamino)-1H-benzimidazole-5-carboxamide
3 non-polymer GLYCEROL
4 non-polymer 'ZINC ION'
5 non-polymer 1,2-ETHANEDIOL
6 non-polymer 'CHLORIDE ION'
7 water water
#
_entity_poly.entity_id   1
_entity_poly.type   'polypeptide(L)'
_entity_poly.pdbx_seq_one_letter_code
;MVEATAQETDRPRFSFSIAAREGKARTGTIEMKRGVIRTPAFMPVGTAATVKALKPETVRATGADIILGNTYHLMLRPGA
ERIAKLGGLHSFMGWDRPILTDSGGYQVMSLSSLTKQSEEGVTFKSHLDGSRHMLSPERSIEIQHLLGSDIVMAFDECTP
YPATPSRAASSMERSMRWAKRSRDAFDSRKEQAENAALFGIQQGSVFENLRQQSADALAEIGFDGYAVGGLAVGEGQDEM
FRVLDFSVPMLPDDKPHYLMGVGKPDDIVGAVERGIDMFDCVLPTRSGRNGQAFTWDGPINIRNARFSEDLKPLDSECHC
AVCQKWSRAYIHHLIRAGEILGAMLMTEHNIAFYQQLMQKIRDSISEGRFSQFAQDFRARYFARNS
;
_entity_poly.pdbx_strand_id   A
#
loop_
_chem_comp.id
_chem_comp.type
_chem_comp.name
_chem_comp.formula
6HD non-polymer 2-(methylamino)-1H-benzimidazole-5-carboxamide 'C9 H10 N4 O'
CL non-polymer 'CHLORIDE ION' 'Cl -1'
EDO non-polymer 1,2-ETHANEDIOL 'C2 H6 O2'
GOL non-polymer GLYCEROL 'C3 H8 O3'
ZN non-polymer 'ZINC ION' 'Zn 2'
#
# COMPACT_ATOMS: atom_id res chain seq x y z
N ASP A 10 -21.04 0.08 -17.53
CA ASP A 10 -20.16 0.80 -16.62
C ASP A 10 -19.86 -0.02 -15.36
N ARG A 11 -18.64 0.13 -14.84
CA ARG A 11 -18.22 -0.62 -13.68
C ARG A 11 -19.00 -0.23 -12.44
N PRO A 12 -19.11 -1.13 -11.47
CA PRO A 12 -19.75 -0.80 -10.19
C PRO A 12 -18.85 0.06 -9.33
N ARG A 13 -19.46 0.59 -8.26
CA ARG A 13 -18.69 1.28 -7.23
C ARG A 13 -17.58 0.39 -6.69
N PHE A 14 -17.91 -0.87 -6.40
CA PHE A 14 -16.94 -1.79 -5.82
C PHE A 14 -17.42 -3.21 -5.97
N SER A 15 -16.61 -4.06 -6.61
N SER A 15 -16.57 -4.09 -6.52
CA SER A 15 -16.87 -5.50 -6.65
CA SER A 15 -16.91 -5.51 -6.64
C SER A 15 -15.54 -6.22 -6.58
C SER A 15 -15.63 -6.34 -6.67
N PHE A 16 -15.38 -7.08 -5.60
CA PHE A 16 -14.19 -7.93 -5.48
C PHE A 16 -14.60 -9.35 -5.84
N SER A 17 -13.90 -9.95 -6.81
N SER A 17 -13.90 -9.94 -6.81
N SER A 17 -13.90 -9.93 -6.81
CA SER A 17 -14.19 -11.30 -7.24
CA SER A 17 -14.18 -11.29 -7.26
CA SER A 17 -14.15 -11.29 -7.27
C SER A 17 -12.91 -12.13 -7.25
C SER A 17 -12.89 -12.09 -7.19
C SER A 17 -12.86 -12.08 -7.14
N ILE A 18 -12.96 -13.29 -6.62
CA ILE A 18 -11.82 -14.19 -6.51
C ILE A 18 -11.92 -15.20 -7.64
N ALA A 19 -10.91 -15.21 -8.51
CA ALA A 19 -10.90 -16.09 -9.67
C ALA A 19 -10.20 -17.41 -9.43
N ALA A 20 -9.24 -17.44 -8.50
CA ALA A 20 -8.48 -18.67 -8.26
C ALA A 20 -7.87 -18.60 -6.87
N ARG A 21 -7.64 -19.77 -6.28
N ARG A 21 -7.65 -19.78 -6.29
CA ARG A 21 -7.10 -19.88 -4.94
CA ARG A 21 -7.11 -19.91 -4.94
C ARG A 21 -6.09 -21.03 -4.88
C ARG A 21 -6.04 -20.99 -4.92
N GLU A 22 -5.13 -20.88 -3.96
CA GLU A 22 -4.17 -21.94 -3.67
C GLU A 22 -3.81 -21.78 -2.20
N GLY A 23 -4.23 -22.73 -1.38
CA GLY A 23 -4.07 -22.56 0.06
C GLY A 23 -4.81 -21.31 0.51
N LYS A 24 -4.12 -20.46 1.26
CA LYS A 24 -4.71 -19.19 1.68
C LYS A 24 -4.59 -18.10 0.63
N ALA A 25 -3.81 -18.34 -0.43
CA ALA A 25 -3.57 -17.31 -1.43
C ALA A 25 -4.76 -17.22 -2.39
N ARG A 26 -5.04 -16.00 -2.85
CA ARG A 26 -6.13 -15.75 -3.77
C ARG A 26 -5.65 -14.82 -4.88
N THR A 27 -6.26 -14.95 -6.04
CA THR A 27 -6.05 -13.98 -7.11
C THR A 27 -7.40 -13.62 -7.71
N GLY A 28 -7.56 -12.35 -8.08
CA GLY A 28 -8.81 -11.91 -8.62
C GLY A 28 -8.78 -10.46 -9.02
N THR A 29 -9.92 -9.78 -8.94
CA THR A 29 -10.01 -8.39 -9.38
C THR A 29 -10.92 -7.61 -8.46
N ILE A 30 -10.59 -6.33 -8.28
CA ILE A 30 -11.51 -5.35 -7.72
C ILE A 30 -11.93 -4.44 -8.87
N GLU A 31 -13.23 -4.38 -9.15
N GLU A 31 -13.23 -4.41 -9.15
CA GLU A 31 -13.75 -3.46 -10.14
CA GLU A 31 -13.78 -3.47 -10.12
C GLU A 31 -14.29 -2.22 -9.44
C GLU A 31 -14.25 -2.22 -9.39
N MET A 32 -13.83 -1.05 -9.89
CA MET A 32 -14.29 0.23 -9.37
C MET A 32 -14.59 1.15 -10.55
N LYS A 33 -15.21 2.29 -10.26
CA LYS A 33 -15.62 3.17 -11.35
C LYS A 33 -14.44 3.61 -12.21
N ARG A 34 -13.29 3.89 -11.60
N ARG A 34 -13.29 3.88 -11.59
CA ARG A 34 -12.16 4.38 -12.35
CA ARG A 34 -12.13 4.38 -12.30
C ARG A 34 -11.29 3.29 -12.97
C ARG A 34 -11.19 3.29 -12.83
N GLY A 35 -11.51 2.03 -12.64
CA GLY A 35 -10.70 0.98 -13.24
C GLY A 35 -10.76 -0.32 -12.48
N VAL A 36 -10.09 -1.33 -13.06
CA VAL A 36 -9.98 -2.66 -12.49
C VAL A 36 -8.61 -2.80 -11.82
N ILE A 37 -8.60 -3.40 -10.63
CA ILE A 37 -7.39 -3.64 -9.88
C ILE A 37 -7.17 -5.15 -9.83
N ARG A 38 -6.05 -5.61 -10.37
CA ARG A 38 -5.71 -7.02 -10.34
C ARG A 38 -5.07 -7.35 -8.99
N THR A 39 -5.53 -8.43 -8.36
CA THR A 39 -5.01 -8.80 -7.04
C THR A 39 -4.37 -10.19 -7.08
N PRO A 40 -3.30 -10.42 -6.30
CA PRO A 40 -2.68 -9.46 -5.37
C PRO A 40 -2.07 -8.25 -6.08
N ALA A 41 -2.23 -7.08 -5.48
CA ALA A 41 -1.87 -5.81 -6.06
C ALA A 41 -0.78 -5.13 -5.24
N PHE A 42 0.16 -4.48 -5.94
CA PHE A 42 1.09 -3.57 -5.30
C PHE A 42 0.77 -2.14 -5.72
N MET A 43 0.64 -1.24 -4.72
CA MET A 43 0.34 0.16 -4.94
C MET A 43 1.60 1.00 -4.77
N PRO A 44 2.13 1.58 -5.84
CA PRO A 44 3.19 2.59 -5.68
C PRO A 44 2.67 3.74 -4.82
N VAL A 45 3.57 4.32 -4.03
CA VAL A 45 3.20 5.36 -3.08
C VAL A 45 3.40 6.74 -3.72
N GLY A 46 2.34 7.54 -3.75
CA GLY A 46 2.38 8.90 -4.25
C GLY A 46 2.21 9.93 -3.16
N THR A 47 3.22 10.08 -2.31
CA THR A 47 3.18 10.89 -1.10
C THR A 47 2.54 12.26 -1.30
N ALA A 48 3.22 13.16 -1.99
CA ALA A 48 2.76 14.54 -2.15
C ALA A 48 2.19 14.78 -3.54
N ALA A 49 1.21 13.94 -3.91
CA ALA A 49 0.55 14.00 -5.21
C ALA A 49 1.52 13.72 -6.37
N THR A 50 2.52 12.88 -6.11
CA THR A 50 3.41 12.39 -7.16
C THR A 50 4.04 11.09 -6.67
N VAL A 51 4.11 10.10 -7.54
CA VAL A 51 4.99 8.96 -7.33
C VAL A 51 6.38 9.44 -7.70
N LYS A 52 7.27 9.53 -6.69
CA LYS A 52 8.45 10.37 -6.84
C LYS A 52 9.28 9.96 -8.04
N ALA A 53 9.59 10.94 -8.89
CA ALA A 53 10.45 10.82 -10.07
C ALA A 53 9.79 10.13 -11.27
N LEU A 54 8.47 9.90 -11.24
CA LEU A 54 7.78 9.26 -12.36
C LEU A 54 6.58 10.08 -12.80
N LYS A 55 6.42 10.28 -14.11
CA LYS A 55 5.13 10.71 -14.63
C LYS A 55 4.09 9.61 -14.40
N PRO A 56 2.82 9.98 -14.23
CA PRO A 56 1.78 8.97 -14.09
C PRO A 56 1.73 7.96 -15.24
N GLU A 57 2.00 8.40 -16.47
N GLU A 57 1.99 8.41 -16.47
CA GLU A 57 1.99 7.45 -17.57
CA GLU A 57 1.99 7.47 -17.59
C GLU A 57 3.06 6.39 -17.41
C GLU A 57 3.06 6.40 -17.41
N THR A 58 4.20 6.76 -16.81
CA THR A 58 5.25 5.78 -16.54
C THR A 58 4.84 4.84 -15.43
N VAL A 59 4.19 5.35 -14.37
CA VAL A 59 3.64 4.48 -13.34
C VAL A 59 2.71 3.45 -13.98
N ARG A 60 1.82 3.90 -14.86
CA ARG A 60 0.89 2.97 -15.51
C ARG A 60 1.64 1.98 -16.40
N ALA A 61 2.65 2.47 -17.15
CA ALA A 61 3.39 1.59 -18.04
C ALA A 61 4.08 0.45 -17.30
N THR A 62 4.43 0.66 -16.03
CA THR A 62 5.04 -0.43 -15.26
C THR A 62 4.03 -1.51 -14.89
N GLY A 63 2.73 -1.25 -15.02
CA GLY A 63 1.72 -2.23 -14.68
C GLY A 63 0.84 -1.88 -13.49
N ALA A 64 1.10 -0.74 -12.83
CA ALA A 64 0.29 -0.39 -11.66
C ALA A 64 -1.16 -0.09 -12.06
N ASP A 65 -2.09 -0.65 -11.29
CA ASP A 65 -3.53 -0.41 -11.48
C ASP A 65 -4.07 0.66 -10.54
N ILE A 66 -3.35 0.96 -9.46
CA ILE A 66 -3.83 1.83 -8.39
C ILE A 66 -2.59 2.34 -7.68
N ILE A 67 -2.66 3.58 -7.19
CA ILE A 67 -1.59 4.17 -6.41
C ILE A 67 -2.16 4.60 -5.07
N LEU A 68 -1.26 4.82 -4.11
CA LEU A 68 -1.63 5.29 -2.79
C LEU A 68 -1.29 6.77 -2.65
N GLY A 69 -2.20 7.54 -2.06
CA GLY A 69 -1.93 8.93 -1.68
C GLY A 69 -1.95 9.09 -0.17
N ASN A 70 -1.14 10.03 0.35
CA ASN A 70 -0.98 10.25 1.79
C ASN A 70 -1.81 11.45 2.26
N THR A 71 -2.89 11.19 3.00
CA THR A 71 -3.74 12.25 3.53
C THR A 71 -2.95 13.26 4.37
N TYR A 72 -2.06 12.78 5.23
CA TYR A 72 -1.32 13.66 6.13
C TYR A 72 -0.51 14.69 5.33
N HIS A 73 0.22 14.24 4.32
CA HIS A 73 1.04 15.18 3.55
C HIS A 73 0.17 16.13 2.74
N LEU A 74 -0.87 15.61 2.09
CA LEU A 74 -1.67 16.44 1.19
C LEU A 74 -2.49 17.48 1.95
N MET A 75 -2.93 17.17 3.16
CA MET A 75 -3.68 18.17 3.92
C MET A 75 -2.80 19.34 4.34
N LEU A 76 -1.49 19.12 4.43
CA LEU A 76 -0.53 20.16 4.76
C LEU A 76 -0.05 20.89 3.52
N ARG A 77 0.22 20.17 2.45
CA ARG A 77 0.70 20.78 1.21
C ARG A 77 0.29 19.87 0.07
N PRO A 78 -0.52 20.37 -0.87
CA PRO A 78 -0.99 21.76 -1.04
C PRO A 78 -2.26 22.13 -0.27
N GLY A 79 -2.88 21.20 0.44
CA GLY A 79 -4.14 21.45 1.12
C GLY A 79 -5.28 20.70 0.46
N ALA A 80 -6.15 20.11 1.28
CA ALA A 80 -7.24 19.30 0.74
C ALA A 80 -8.31 20.16 0.07
N GLU A 81 -8.71 21.26 0.72
CA GLU A 81 -9.68 22.16 0.11
C GLU A 81 -9.15 22.72 -1.22
N ARG A 82 -7.87 23.07 -1.26
CA ARG A 82 -7.27 23.56 -2.49
C ARG A 82 -7.32 22.50 -3.60
N ILE A 83 -6.95 21.26 -3.29
CA ILE A 83 -7.03 20.22 -4.30
C ILE A 83 -8.46 20.05 -4.80
N ALA A 84 -9.44 20.10 -3.88
CA ALA A 84 -10.83 19.98 -4.32
C ALA A 84 -11.22 21.12 -5.25
N LYS A 85 -10.84 22.35 -4.90
N LYS A 85 -10.82 22.35 -4.92
CA LYS A 85 -11.14 23.49 -5.77
CA LYS A 85 -11.14 23.50 -5.75
C LYS A 85 -10.55 23.29 -7.16
C LYS A 85 -10.49 23.39 -7.13
N LEU A 86 -9.37 22.69 -7.23
CA LEU A 86 -8.69 22.49 -8.50
C LEU A 86 -9.22 21.29 -9.27
N GLY A 87 -10.17 20.54 -8.72
CA GLY A 87 -10.81 19.46 -9.44
C GLY A 87 -10.53 18.08 -8.90
N GLY A 88 -9.82 17.96 -7.78
CA GLY A 88 -9.56 16.68 -7.17
C GLY A 88 -8.17 16.16 -7.48
N LEU A 89 -7.73 15.18 -6.69
CA LEU A 89 -6.37 14.67 -6.79
C LEU A 89 -6.11 14.03 -8.16
N HIS A 90 -7.09 13.32 -8.71
CA HIS A 90 -6.87 12.64 -9.99
C HIS A 90 -6.49 13.62 -11.08
N SER A 91 -7.31 14.68 -11.23
N SER A 91 -7.28 14.70 -11.24
CA SER A 91 -7.05 15.72 -12.22
CA SER A 91 -6.95 15.64 -12.30
C SER A 91 -5.76 16.45 -11.91
C SER A 91 -5.76 16.53 -11.93
N PHE A 92 -5.54 16.77 -10.63
CA PHE A 92 -4.40 17.58 -10.22
C PHE A 92 -3.10 16.90 -10.64
N MET A 93 -2.93 15.62 -10.33
CA MET A 93 -1.69 14.93 -10.63
C MET A 93 -1.69 14.19 -11.96
N GLY A 94 -2.84 14.05 -12.61
CA GLY A 94 -2.88 13.39 -13.90
C GLY A 94 -2.89 11.87 -13.84
N TRP A 95 -3.47 11.30 -12.79
CA TRP A 95 -3.68 9.86 -12.69
C TRP A 95 -5.18 9.61 -12.64
N ASP A 96 -5.72 8.94 -13.65
CA ASP A 96 -7.17 8.82 -13.78
C ASP A 96 -7.73 7.49 -13.29
N ARG A 97 -6.89 6.64 -12.74
CA ARG A 97 -7.26 5.31 -12.25
C ARG A 97 -7.49 5.36 -10.74
N PRO A 98 -7.82 4.24 -10.10
CA PRO A 98 -8.11 4.30 -8.67
C PRO A 98 -6.93 4.81 -7.84
N ILE A 99 -7.26 5.53 -6.78
CA ILE A 99 -6.32 5.97 -5.75
C ILE A 99 -6.87 5.54 -4.41
N LEU A 100 -6.03 4.88 -3.61
CA LEU A 100 -6.34 4.61 -2.22
C LEU A 100 -5.64 5.67 -1.39
N THR A 101 -6.35 6.30 -0.46
CA THR A 101 -5.72 7.25 0.44
C THR A 101 -5.63 6.67 1.84
N ASP A 102 -4.46 6.78 2.45
N ASP A 102 -4.46 6.77 2.46
CA ASP A 102 -4.38 6.48 3.87
CA ASP A 102 -4.38 6.47 3.88
C ASP A 102 -5.13 7.55 4.66
C ASP A 102 -5.11 7.55 4.67
N SER A 103 -5.37 7.27 5.95
CA SER A 103 -6.22 8.14 6.73
C SER A 103 -5.47 9.27 7.40
N GLY A 104 -4.15 9.18 7.49
CA GLY A 104 -3.35 10.14 8.21
C GLY A 104 -2.95 9.71 9.60
N GLY A 105 -3.60 8.67 10.14
CA GLY A 105 -3.37 8.31 11.53
C GLY A 105 -1.96 7.80 11.80
N TYR A 106 -1.38 7.07 10.85
CA TYR A 106 -0.01 6.58 11.01
C TYR A 106 1.00 7.71 10.86
N GLN A 107 0.85 8.51 9.80
CA GLN A 107 1.84 9.56 9.53
C GLN A 107 1.76 10.70 10.53
N VAL A 108 0.59 10.97 11.09
CA VAL A 108 0.49 12.04 12.09
C VAL A 108 1.33 11.70 13.31
N MET A 109 1.35 10.43 13.71
CA MET A 109 2.17 10.02 14.85
C MET A 109 3.62 9.76 14.45
N SER A 110 3.90 9.51 13.18
CA SER A 110 5.26 9.28 12.73
C SER A 110 6.02 10.55 12.43
N LEU A 111 5.34 11.59 11.94
CA LEU A 111 6.01 12.76 11.37
C LEU A 111 5.70 14.08 12.06
N SER A 112 4.67 14.15 12.90
CA SER A 112 4.30 15.43 13.50
C SER A 112 4.92 15.62 14.88
N THR A 115 2.14 16.45 19.18
CA THR A 115 0.82 15.85 19.02
C THR A 115 0.08 15.75 20.36
N LYS A 116 -1.23 15.90 20.32
CA LYS A 116 -2.08 15.70 21.50
C LYS A 116 -3.21 14.77 21.09
N GLN A 117 -3.28 13.61 21.73
CA GLN A 117 -4.24 12.58 21.39
C GLN A 117 -5.39 12.60 22.37
N SER A 118 -6.60 12.39 21.85
CA SER A 118 -7.79 12.28 22.69
C SER A 118 -8.79 11.40 21.97
N GLU A 119 -9.89 11.10 22.66
CA GLU A 119 -10.97 10.32 22.06
C GLU A 119 -11.55 11.02 20.83
N GLU A 120 -11.45 12.35 20.77
CA GLU A 120 -11.99 13.08 19.62
C GLU A 120 -11.11 12.90 18.38
N GLY A 121 -9.80 12.83 18.56
CA GLY A 121 -8.88 12.75 17.45
C GLY A 121 -7.48 13.16 17.90
N VAL A 122 -6.71 13.71 16.98
CA VAL A 122 -5.35 14.13 17.26
C VAL A 122 -5.13 15.56 16.77
N THR A 123 -4.60 16.42 17.64
N THR A 123 -4.59 16.41 17.64
CA THR A 123 -4.13 17.72 17.23
CA THR A 123 -4.12 17.72 17.26
C THR A 123 -2.61 17.68 17.14
C THR A 123 -2.60 17.68 17.15
N PHE A 124 -2.06 18.39 16.16
CA PHE A 124 -0.63 18.27 15.88
C PHE A 124 -0.09 19.54 15.23
N LYS A 125 1.23 19.68 15.31
CA LYS A 125 1.95 20.76 14.65
C LYS A 125 2.65 20.22 13.41
N SER A 126 2.55 20.93 12.30
CA SER A 126 3.13 20.49 11.06
C SER A 126 4.66 20.55 11.10
N HIS A 127 5.29 19.59 10.44
CA HIS A 127 6.75 19.54 10.39
C HIS A 127 7.29 20.19 9.13
N SER A 131 2.52 25.34 12.10
CA SER A 131 1.07 25.44 11.97
C SER A 131 0.37 24.28 12.65
N ARG A 132 -0.64 24.58 13.46
CA ARG A 132 -1.38 23.55 14.19
C ARG A 132 -2.51 23.01 13.33
N HIS A 133 -2.77 21.72 13.46
CA HIS A 133 -3.78 21.06 12.64
C HIS A 133 -4.48 19.99 13.46
N MET A 134 -5.58 19.48 12.90
CA MET A 134 -6.46 18.55 13.59
C MET A 134 -6.83 17.41 12.66
N LEU A 135 -6.87 16.20 13.21
CA LEU A 135 -7.38 15.05 12.48
C LEU A 135 -8.28 14.24 13.41
N SER A 136 -9.45 13.92 12.92
CA SER A 136 -10.42 13.11 13.65
C SER A 136 -10.96 12.13 12.62
N PRO A 137 -11.71 11.11 13.03
CA PRO A 137 -12.37 10.28 12.01
C PRO A 137 -13.15 11.11 11.00
N GLU A 138 -13.93 12.08 11.48
CA GLU A 138 -14.78 12.87 10.59
C GLU A 138 -13.95 13.73 9.64
N ARG A 139 -12.90 14.38 10.16
CA ARG A 139 -12.09 15.24 9.31
C ARG A 139 -11.26 14.42 8.33
N SER A 140 -10.77 13.25 8.76
CA SER A 140 -10.01 12.39 7.86
C SER A 140 -10.87 11.95 6.68
N ILE A 141 -12.09 11.48 6.96
CA ILE A 141 -12.99 11.07 5.89
C ILE A 141 -13.31 12.24 4.98
N GLU A 142 -13.52 13.43 5.55
CA GLU A 142 -13.78 14.62 4.76
C GLU A 142 -12.59 14.96 3.86
N ILE A 143 -11.38 14.92 4.40
CA ILE A 143 -10.20 15.19 3.58
C ILE A 143 -10.12 14.21 2.43
N GLN A 144 -10.35 12.92 2.71
CA GLN A 144 -10.28 11.93 1.66
C GLN A 144 -11.35 12.17 0.61
N HIS A 145 -12.52 12.66 1.02
CA HIS A 145 -13.55 13.06 0.06
C HIS A 145 -13.09 14.22 -0.80
N LEU A 146 -12.52 15.26 -0.17
CA LEU A 146 -12.06 16.43 -0.91
C LEU A 146 -11.00 16.04 -1.93
N LEU A 147 -10.14 15.08 -1.59
CA LEU A 147 -9.16 14.60 -2.55
C LEU A 147 -9.80 13.80 -3.67
N GLY A 148 -10.99 13.24 -3.44
CA GLY A 148 -11.62 12.39 -4.44
C GLY A 148 -11.07 10.98 -4.45
N SER A 149 -10.64 10.48 -3.29
CA SER A 149 -10.14 9.13 -3.13
C SER A 149 -11.16 8.09 -3.58
N ASP A 150 -10.68 7.01 -4.19
CA ASP A 150 -11.54 5.89 -4.54
C ASP A 150 -11.65 4.86 -3.43
N ILE A 151 -10.55 4.55 -2.75
CA ILE A 151 -10.59 3.70 -1.56
C ILE A 151 -10.17 4.55 -0.38
N VAL A 152 -11.11 4.74 0.54
CA VAL A 152 -10.94 5.57 1.73
C VAL A 152 -10.60 4.66 2.89
N MET A 153 -9.58 5.02 3.67
CA MET A 153 -9.22 4.24 4.86
C MET A 153 -9.84 4.86 6.10
N ALA A 154 -10.41 4.02 6.95
CA ALA A 154 -10.88 4.49 8.25
C ALA A 154 -9.72 5.10 9.02
N PHE A 155 -10.05 6.08 9.87
CA PHE A 155 -9.05 6.73 10.70
C PHE A 155 -8.84 5.91 11.96
N ASP A 156 -7.60 5.54 12.22
CA ASP A 156 -7.27 4.64 13.32
C ASP A 156 -6.09 5.15 14.12
N GLU A 157 -5.61 4.28 15.02
CA GLU A 157 -4.42 4.53 15.82
C GLU A 157 -3.51 3.33 15.66
N CYS A 158 -2.32 3.53 15.06
CA CYS A 158 -1.37 2.44 14.85
C CYS A 158 -0.54 2.25 16.12
N THR A 159 -0.82 1.18 16.84
CA THR A 159 -0.19 0.92 18.11
C THR A 159 1.32 0.73 17.93
N PRO A 160 2.16 1.40 18.71
CA PRO A 160 3.60 1.19 18.59
C PRO A 160 3.98 -0.23 19.01
N TYR A 161 5.14 -0.66 18.50
CA TYR A 161 5.69 -1.96 18.86
C TYR A 161 7.02 -1.77 19.57
N PRO A 162 7.22 -2.49 20.69
CA PRO A 162 6.27 -3.41 21.31
C PRO A 162 5.20 -2.69 22.13
N ALA A 163 4.08 -3.38 22.38
CA ALA A 163 3.00 -2.83 23.17
C ALA A 163 2.61 -3.85 24.23
N THR A 164 2.34 -3.36 25.44
CA THR A 164 1.80 -4.25 26.45
C THR A 164 0.39 -4.65 26.06
N PRO A 165 -0.09 -5.80 26.54
CA PRO A 165 -1.48 -6.18 26.24
C PRO A 165 -2.49 -5.11 26.61
N SER A 166 -2.32 -4.46 27.77
N SER A 166 -2.32 -4.44 27.75
CA SER A 166 -3.28 -3.43 28.18
CA SER A 166 -3.31 -3.45 28.16
C SER A 166 -3.31 -2.27 27.19
C SER A 166 -3.31 -2.24 27.25
N ARG A 167 -2.12 -1.78 26.81
CA ARG A 167 -2.07 -0.64 25.91
C ARG A 167 -2.53 -1.02 24.51
N ALA A 168 -2.19 -2.23 24.06
CA ALA A 168 -2.68 -2.68 22.77
C ALA A 168 -4.20 -2.78 22.76
N ALA A 169 -4.77 -3.24 23.87
CA ALA A 169 -6.23 -3.34 23.96
C ALA A 169 -6.89 -1.97 23.93
N SER A 170 -6.38 -1.03 24.75
CA SER A 170 -6.97 0.30 24.80
C SER A 170 -6.89 0.98 23.44
N SER A 171 -5.76 0.80 22.75
CA SER A 171 -5.60 1.42 21.44
C SER A 171 -6.52 0.78 20.41
N MET A 172 -6.60 -0.55 20.42
CA MET A 172 -7.50 -1.24 19.50
C MET A 172 -8.95 -0.83 19.73
N GLU A 173 -9.35 -0.73 21.01
CA GLU A 173 -10.73 -0.37 21.31
C GLU A 173 -11.06 1.02 20.80
N ARG A 174 -10.14 1.99 21.00
CA ARG A 174 -10.35 3.31 20.44
C ARG A 174 -10.44 3.24 18.92
N SER A 175 -9.55 2.47 18.29
CA SER A 175 -9.60 2.34 16.84
C SER A 175 -10.93 1.79 16.37
N MET A 176 -11.53 0.88 17.13
CA MET A 176 -12.83 0.33 16.71
C MET A 176 -13.93 1.37 16.86
N ARG A 177 -13.89 2.18 17.92
CA ARG A 177 -14.83 3.29 18.03
C ARG A 177 -14.65 4.27 16.88
N TRP A 178 -13.39 4.54 16.52
CA TRP A 178 -13.11 5.43 15.40
C TRP A 178 -13.51 4.82 14.07
N ALA A 179 -13.52 3.48 13.97
CA ALA A 179 -13.94 2.82 12.74
C ALA A 179 -15.42 3.02 12.50
N LYS A 180 -16.22 2.92 13.57
CA LYS A 180 -17.64 3.22 13.47
C LYS A 180 -17.88 4.68 13.09
N ARG A 181 -17.14 5.61 13.71
CA ARG A 181 -17.28 7.02 13.34
C ARG A 181 -16.88 7.24 11.89
N SER A 182 -15.85 6.54 11.42
CA SER A 182 -15.43 6.66 10.03
C SER A 182 -16.51 6.16 9.09
N ARG A 183 -17.09 5.00 9.40
CA ARG A 183 -18.19 4.44 8.63
C ARG A 183 -19.35 5.42 8.52
N ASP A 184 -19.75 6.02 9.65
CA ASP A 184 -20.91 6.90 9.64
C ASP A 184 -20.62 8.20 8.89
N ALA A 185 -19.39 8.73 9.02
CA ALA A 185 -19.05 9.94 8.27
C ALA A 185 -19.05 9.68 6.78
N PHE A 186 -18.47 8.56 6.36
CA PHE A 186 -18.46 8.17 4.96
C PHE A 186 -19.89 8.01 4.43
N ASP A 187 -20.74 7.32 5.19
CA ASP A 187 -22.11 7.05 4.72
C ASP A 187 -22.95 8.32 4.66
N SER A 188 -22.63 9.33 5.48
N SER A 188 -22.62 9.32 5.48
CA SER A 188 -23.42 10.54 5.51
CA SER A 188 -23.40 10.56 5.54
C SER A 188 -23.24 11.36 4.23
C SER A 188 -23.07 11.53 4.41
N ARG A 189 -22.13 11.18 3.54
CA ARG A 189 -21.77 11.98 2.39
C ARG A 189 -22.17 11.19 1.14
N LYS A 190 -23.30 11.56 0.54
CA LYS A 190 -23.91 10.75 -0.50
C LYS A 190 -22.97 10.48 -1.67
N GLU A 191 -22.31 11.53 -2.16
CA GLU A 191 -21.44 11.36 -3.32
C GLU A 191 -20.28 10.42 -3.01
N GLN A 192 -19.74 10.51 -1.80
CA GLN A 192 -18.66 9.61 -1.40
C GLN A 192 -19.16 8.17 -1.25
N ALA A 193 -20.28 8.00 -0.57
CA ALA A 193 -20.82 6.66 -0.35
C ALA A 193 -21.16 5.96 -1.65
N GLU A 194 -21.59 6.73 -2.66
CA GLU A 194 -22.02 6.11 -3.92
C GLU A 194 -20.87 5.84 -4.87
N ASN A 195 -19.72 6.48 -4.70
CA ASN A 195 -18.66 6.41 -5.69
C ASN A 195 -17.34 5.87 -5.18
N ALA A 196 -17.13 5.83 -3.87
CA ALA A 196 -15.89 5.36 -3.28
C ALA A 196 -16.18 4.12 -2.44
N ALA A 197 -15.11 3.51 -1.95
CA ALA A 197 -15.19 2.38 -1.05
C ALA A 197 -14.49 2.74 0.25
N LEU A 198 -14.83 2.02 1.32
CA LEU A 198 -14.28 2.29 2.64
C LEU A 198 -13.70 1.01 3.22
N PHE A 199 -12.44 1.06 3.65
CA PHE A 199 -11.78 -0.08 4.28
C PHE A 199 -11.61 0.17 5.78
N GLY A 200 -11.82 -0.86 6.58
CA GLY A 200 -11.55 -0.80 8.00
C GLY A 200 -10.17 -1.39 8.29
N ILE A 201 -9.60 -1.02 9.43
CA ILE A 201 -8.23 -1.43 9.79
C ILE A 201 -8.25 -2.25 11.08
N GLN A 202 -7.81 -3.50 10.99
CA GLN A 202 -7.66 -4.35 12.16
C GLN A 202 -6.44 -3.93 12.97
N GLN A 203 -6.60 -3.81 14.29
CA GLN A 203 -5.48 -3.55 15.18
C GLN A 203 -5.36 -4.68 16.20
N GLY A 204 -4.62 -4.46 17.29
CA GLY A 204 -4.44 -5.50 18.28
C GLY A 204 -3.02 -5.98 18.48
N SER A 205 -2.06 -5.29 17.85
CA SER A 205 -0.63 -5.57 18.03
C SER A 205 -0.37 -7.02 17.66
N VAL A 206 0.35 -7.80 18.48
CA VAL A 206 0.70 -9.17 18.15
C VAL A 206 -0.19 -10.18 18.88
N PHE A 207 -1.29 -9.73 19.46
CA PHE A 207 -2.08 -10.54 20.39
C PHE A 207 -3.31 -11.12 19.70
N GLU A 208 -3.40 -12.45 19.70
CA GLU A 208 -4.44 -13.12 18.93
C GLU A 208 -5.85 -12.74 19.42
N ASN A 209 -6.05 -12.66 20.73
CA ASN A 209 -7.39 -12.34 21.22
C ASN A 209 -7.81 -10.92 20.84
N LEU A 210 -6.88 -9.97 20.86
CA LEU A 210 -7.21 -8.60 20.45
C LEU A 210 -7.46 -8.53 18.95
N ARG A 211 -6.66 -9.25 18.16
CA ARG A 211 -6.89 -9.30 16.72
C ARG A 211 -8.27 -9.87 16.40
N GLN A 212 -8.71 -10.89 17.16
CA GLN A 212 -10.04 -11.45 16.96
C GLN A 212 -11.13 -10.44 17.33
N GLN A 213 -10.99 -9.78 18.48
N GLN A 213 -10.98 -9.77 18.47
CA GLN A 213 -11.96 -8.77 18.87
CA GLN A 213 -11.98 -8.77 18.86
C GLN A 213 -12.04 -7.66 17.81
C GLN A 213 -12.05 -7.65 17.82
N SER A 214 -10.89 -7.24 17.29
CA SER A 214 -10.88 -6.19 16.28
C SER A 214 -11.57 -6.66 15.00
N ALA A 215 -11.24 -7.86 14.54
CA ALA A 215 -11.89 -8.40 13.35
C ALA A 215 -13.40 -8.47 13.53
N ASP A 216 -13.85 -8.94 14.69
CA ASP A 216 -15.28 -9.05 14.95
C ASP A 216 -15.96 -7.67 14.93
N ALA A 217 -15.32 -6.67 15.55
CA ALA A 217 -15.90 -5.33 15.56
C ALA A 217 -16.00 -4.76 14.15
N LEU A 218 -14.96 -4.96 13.34
CA LEU A 218 -14.97 -4.42 11.98
C LEU A 218 -16.01 -5.11 11.13
N ALA A 219 -16.13 -6.44 11.27
CA ALA A 219 -17.13 -7.17 10.47
C ALA A 219 -18.54 -6.79 10.88
N GLU A 220 -18.76 -6.47 12.16
CA GLU A 220 -20.07 -6.03 12.61
C GLU A 220 -20.44 -4.69 11.99
N ILE A 221 -19.47 -3.76 11.91
CA ILE A 221 -19.72 -2.48 11.25
C ILE A 221 -19.94 -2.71 9.76
N GLY A 222 -19.05 -3.48 9.14
CA GLY A 222 -19.13 -3.78 7.72
C GLY A 222 -18.33 -2.80 6.91
N PHE A 223 -17.37 -3.33 6.14
CA PHE A 223 -16.52 -2.53 5.27
C PHE A 223 -16.37 -3.22 3.92
N ASP A 224 -15.89 -2.45 2.93
CA ASP A 224 -15.65 -3.01 1.61
C ASP A 224 -14.36 -3.82 1.56
N GLY A 225 -13.44 -3.56 2.47
CA GLY A 225 -12.19 -4.31 2.53
C GLY A 225 -11.62 -4.10 3.91
N TYR A 226 -10.63 -4.93 4.25
CA TYR A 226 -10.11 -5.00 5.61
C TYR A 226 -8.59 -4.96 5.56
N ALA A 227 -8.01 -3.98 6.21
CA ALA A 227 -6.56 -3.89 6.32
C ALA A 227 -6.09 -4.55 7.61
N VAL A 228 -4.90 -5.15 7.53
CA VAL A 228 -4.18 -5.59 8.71
C VAL A 228 -3.24 -4.43 9.07
N GLY A 229 -3.62 -3.67 10.09
CA GLY A 229 -2.78 -2.59 10.54
C GLY A 229 -1.84 -3.03 11.64
N GLY A 230 -0.94 -2.12 11.99
CA GLY A 230 -0.09 -2.33 13.15
C GLY A 230 1.09 -3.27 12.96
N LEU A 231 1.37 -3.67 11.73
CA LEU A 231 2.52 -4.52 11.45
C LEU A 231 3.55 -3.71 10.66
N ALA A 232 4.70 -4.33 10.41
CA ALA A 232 5.83 -3.61 9.83
C ALA A 232 6.15 -2.34 10.64
N VAL A 233 6.17 -2.52 11.95
CA VAL A 233 6.49 -1.43 12.88
C VAL A 233 7.70 -1.78 13.74
N GLY A 234 8.54 -2.69 13.27
CA GLY A 234 9.75 -3.09 13.99
C GLY A 234 9.75 -4.52 14.48
N GLU A 235 8.74 -5.33 14.20
CA GLU A 235 8.64 -6.65 14.81
C GLU A 235 9.44 -7.73 14.09
N GLY A 236 9.85 -7.50 12.85
CA GLY A 236 10.58 -8.50 12.10
C GLY A 236 9.67 -9.48 11.37
N GLN A 237 10.23 -10.11 10.34
CA GLN A 237 9.40 -10.90 9.43
C GLN A 237 8.80 -12.14 10.11
N ASP A 238 9.60 -12.83 10.93
CA ASP A 238 9.08 -14.02 11.61
C ASP A 238 7.83 -13.67 12.42
N GLU A 239 7.90 -12.60 13.19
CA GLU A 239 6.77 -12.21 14.02
C GLU A 239 5.61 -11.69 13.19
N MET A 240 5.91 -10.92 12.14
CA MET A 240 4.83 -10.45 11.26
C MET A 240 4.09 -11.63 10.65
N PHE A 241 4.83 -12.63 10.16
CA PHE A 241 4.19 -13.81 9.57
C PHE A 241 3.39 -14.58 10.61
N ARG A 242 3.92 -14.69 11.84
CA ARG A 242 3.18 -15.38 12.89
C ARG A 242 1.86 -14.69 13.18
N VAL A 243 1.86 -13.36 13.24
CA VAL A 243 0.61 -12.63 13.47
C VAL A 243 -0.32 -12.78 12.27
N LEU A 244 0.20 -12.68 11.03
CA LEU A 244 -0.65 -12.89 9.86
C LEU A 244 -1.28 -14.28 9.86
N ASP A 245 -0.54 -15.30 10.32
CA ASP A 245 -1.05 -16.67 10.32
C ASP A 245 -2.43 -16.75 10.96
N PHE A 246 -2.61 -16.13 12.14
CA PHE A 246 -3.90 -16.16 12.80
C PHE A 246 -4.79 -14.97 12.48
N SER A 247 -4.23 -13.85 12.01
CA SER A 247 -5.03 -12.65 11.87
C SER A 247 -5.83 -12.61 10.58
N VAL A 248 -5.23 -12.99 9.45
CA VAL A 248 -5.95 -12.92 8.18
C VAL A 248 -7.19 -13.80 8.15
N PRO A 249 -7.15 -15.04 8.65
CA PRO A 249 -8.37 -15.86 8.63
C PRO A 249 -9.53 -15.26 9.42
N MET A 250 -9.26 -14.32 10.32
CA MET A 250 -10.34 -13.69 11.08
C MET A 250 -11.15 -12.71 10.25
N LEU A 251 -10.59 -12.21 9.16
CA LEU A 251 -11.25 -11.22 8.34
C LEU A 251 -12.24 -11.92 7.39
N PRO A 252 -13.27 -11.21 6.94
CA PRO A 252 -14.17 -11.79 5.95
C PRO A 252 -13.42 -12.28 4.73
N ASP A 253 -13.67 -13.53 4.35
CA ASP A 253 -12.95 -14.14 3.24
C ASP A 253 -13.27 -13.45 1.92
N ASP A 254 -14.49 -12.95 1.76
CA ASP A 254 -14.97 -12.45 0.47
C ASP A 254 -14.65 -10.98 0.21
N LYS A 255 -13.81 -10.37 1.04
N LYS A 255 -13.80 -10.36 1.03
CA LYS A 255 -13.41 -8.98 0.85
CA LYS A 255 -13.40 -8.98 0.82
C LYS A 255 -11.88 -8.91 0.75
C LYS A 255 -11.89 -8.90 0.77
N PRO A 256 -11.35 -7.87 0.12
CA PRO A 256 -9.89 -7.76 0.02
C PRO A 256 -9.23 -7.58 1.38
N HIS A 257 -8.00 -8.10 1.48
CA HIS A 257 -7.17 -8.02 2.68
C HIS A 257 -5.93 -7.22 2.34
N TYR A 258 -5.73 -6.10 3.05
CA TYR A 258 -4.71 -5.13 2.69
C TYR A 258 -3.68 -5.05 3.82
N LEU A 259 -2.43 -5.39 3.51
CA LEU A 259 -1.35 -5.30 4.50
C LEU A 259 -0.63 -3.97 4.30
N MET A 260 -0.81 -3.05 5.25
CA MET A 260 -0.36 -1.68 5.09
C MET A 260 1.15 -1.58 5.32
N GLY A 261 1.85 -0.91 4.41
CA GLY A 261 3.25 -0.59 4.59
C GLY A 261 4.22 -1.73 4.33
N VAL A 262 3.78 -2.82 3.70
CA VAL A 262 4.64 -3.96 3.41
C VAL A 262 4.72 -4.12 1.89
N GLY A 263 5.91 -4.37 1.32
CA GLY A 263 7.18 -4.44 2.01
C GLY A 263 8.23 -4.95 1.04
N LYS A 264 9.25 -5.63 1.57
CA LYS A 264 10.27 -6.24 0.73
C LYS A 264 9.64 -7.34 -0.11
N PRO A 265 10.26 -7.69 -1.24
CA PRO A 265 9.69 -8.76 -2.09
C PRO A 265 9.36 -10.04 -1.35
N ASP A 266 10.26 -10.50 -0.48
N ASP A 266 10.25 -10.52 -0.48
CA ASP A 266 9.99 -11.72 0.28
CA ASP A 266 9.96 -11.75 0.28
C ASP A 266 8.86 -11.54 1.29
C ASP A 266 8.83 -11.54 1.28
N ASP A 267 8.70 -10.33 1.83
CA ASP A 267 7.56 -10.06 2.71
C ASP A 267 6.25 -10.20 1.93
N ILE A 268 6.22 -9.68 0.71
CA ILE A 268 5.02 -9.74 -0.12
C ILE A 268 4.67 -11.19 -0.43
N VAL A 269 5.66 -11.98 -0.86
CA VAL A 269 5.38 -13.38 -1.20
C VAL A 269 4.80 -14.12 -0.01
N GLY A 270 5.43 -13.98 1.17
CA GLY A 270 4.92 -14.68 2.33
C GLY A 270 3.58 -14.18 2.80
N ALA A 271 3.33 -12.87 2.64
CA ALA A 271 2.03 -12.34 3.01
C ALA A 271 0.92 -12.85 2.08
N VAL A 272 1.21 -12.99 0.79
CA VAL A 272 0.24 -13.58 -0.13
C VAL A 272 -0.05 -15.02 0.25
N GLU A 273 0.99 -15.78 0.62
CA GLU A 273 0.81 -17.14 1.11
C GLU A 273 -0.12 -17.18 2.31
N ARG A 274 -0.29 -16.06 3.00
CA ARG A 274 -1.10 -15.98 4.21
C ARG A 274 -2.41 -15.26 3.97
N GLY A 275 -2.75 -14.96 2.71
CA GLY A 275 -4.06 -14.44 2.36
C GLY A 275 -4.17 -12.95 2.13
N ILE A 276 -3.06 -12.24 1.97
CA ILE A 276 -3.09 -10.80 1.69
C ILE A 276 -3.26 -10.55 0.20
N ASP A 277 -4.10 -9.56 -0.13
CA ASP A 277 -4.43 -9.20 -1.50
C ASP A 277 -3.87 -7.86 -1.97
N MET A 278 -3.42 -6.99 -1.06
CA MET A 278 -3.01 -5.64 -1.44
C MET A 278 -1.85 -5.20 -0.56
N PHE A 279 -0.95 -4.42 -1.15
CA PHE A 279 0.28 -3.96 -0.52
C PHE A 279 0.60 -2.55 -0.97
N ASP A 280 1.30 -1.82 -0.12
CA ASP A 280 1.95 -0.57 -0.50
C ASP A 280 3.23 -0.46 0.29
N CYS A 281 4.21 0.23 -0.29
N CYS A 281 4.23 0.19 -0.28
CA CYS A 281 5.48 0.44 0.40
CA CYS A 281 5.38 0.57 0.52
C CYS A 281 6.27 1.50 -0.34
C CYS A 281 6.27 1.49 -0.31
N VAL A 282 7.03 2.32 0.41
CA VAL A 282 7.94 3.27 -0.23
C VAL A 282 9.25 2.62 -0.64
N LEU A 283 9.52 1.37 -0.24
CA LEU A 283 10.81 0.74 -0.53
C LEU A 283 11.25 0.86 -1.99
N PRO A 284 10.45 0.48 -2.99
CA PRO A 284 10.97 0.56 -4.37
C PRO A 284 11.32 1.97 -4.81
N THR A 285 10.51 2.97 -4.43
CA THR A 285 10.78 4.34 -4.83
C THR A 285 11.92 4.94 -4.00
N ARG A 286 11.77 4.94 -2.67
CA ARG A 286 12.78 5.56 -1.81
C ARG A 286 14.13 4.88 -1.95
N SER A 287 14.17 3.55 -1.86
CA SER A 287 15.48 2.91 -1.95
C SER A 287 16.04 2.97 -3.37
N GLY A 288 15.18 3.06 -4.38
CA GLY A 288 15.67 3.29 -5.74
C GLY A 288 16.44 4.59 -5.86
N ARG A 289 15.91 5.66 -5.28
CA ARG A 289 16.63 6.94 -5.31
C ARG A 289 17.95 6.85 -4.54
N ASN A 290 18.03 5.98 -3.54
CA ASN A 290 19.25 5.77 -2.77
C ASN A 290 20.21 4.78 -3.42
N GLY A 291 19.88 4.23 -4.59
CA GLY A 291 20.80 3.36 -5.30
C GLY A 291 20.53 1.87 -5.19
N GLN A 292 19.48 1.46 -4.48
CA GLN A 292 19.19 0.04 -4.36
C GLN A 292 18.25 -0.38 -5.49
N ALA A 293 18.69 -1.36 -6.29
CA ALA A 293 17.89 -1.92 -7.37
C ALA A 293 17.51 -3.35 -7.04
N PHE A 294 16.24 -3.70 -7.26
CA PHE A 294 15.77 -5.06 -7.04
C PHE A 294 16.02 -5.92 -8.27
N THR A 295 16.50 -7.13 -8.04
CA THR A 295 16.74 -8.10 -9.10
C THR A 295 16.24 -9.46 -8.61
N TRP A 296 16.04 -10.38 -9.55
CA TRP A 296 15.62 -11.72 -9.16
C TRP A 296 16.68 -12.47 -8.39
N ASP A 297 17.92 -11.98 -8.39
CA ASP A 297 19.00 -12.54 -7.58
C ASP A 297 19.25 -11.73 -6.31
N GLY A 298 18.27 -10.94 -5.89
CA GLY A 298 18.40 -10.12 -4.71
C GLY A 298 18.72 -8.69 -5.05
N PRO A 299 18.64 -7.80 -4.06
CA PRO A 299 18.92 -6.39 -4.32
C PRO A 299 20.41 -6.16 -4.54
N ILE A 300 20.72 -5.13 -5.32
CA ILE A 300 22.10 -4.67 -5.52
C ILE A 300 22.13 -3.18 -5.21
N ASN A 301 23.30 -2.69 -4.79
CA ASN A 301 23.48 -1.25 -4.64
C ASN A 301 24.32 -0.77 -5.81
N ILE A 302 23.67 -0.05 -6.72
CA ILE A 302 24.27 0.36 -7.97
C ILE A 302 25.43 1.33 -7.76
N ARG A 303 25.53 1.93 -6.57
N ARG A 303 25.53 1.93 -6.57
CA ARG A 303 26.66 2.81 -6.29
CA ARG A 303 26.65 2.81 -6.29
C ARG A 303 27.97 2.04 -6.18
C ARG A 303 27.97 2.04 -6.15
N ASN A 304 27.91 0.74 -5.92
CA ASN A 304 29.13 -0.03 -5.70
C ASN A 304 30.04 0.04 -6.93
N ALA A 305 31.34 0.23 -6.67
CA ALA A 305 32.35 0.34 -7.72
C ALA A 305 32.33 -0.85 -8.68
N ARG A 306 31.87 -2.01 -8.24
CA ARG A 306 31.85 -3.18 -9.12
C ARG A 306 30.93 -2.97 -10.32
N PHE A 307 30.06 -1.97 -10.29
CA PHE A 307 29.15 -1.74 -11.41
C PHE A 307 29.63 -0.66 -12.37
N SER A 308 30.82 -0.09 -12.15
CA SER A 308 31.24 1.09 -12.91
C SER A 308 31.44 0.79 -14.39
N GLU A 309 31.74 -0.47 -14.74
CA GLU A 309 31.95 -0.85 -16.13
C GLU A 309 31.08 -2.03 -16.54
N ASP A 310 29.98 -2.25 -15.80
CA ASP A 310 29.09 -3.38 -16.04
C ASP A 310 28.06 -2.98 -17.08
N LEU A 311 28.14 -3.58 -18.26
CA LEU A 311 27.23 -3.23 -19.35
C LEU A 311 25.89 -3.94 -19.29
N LYS A 312 25.69 -4.88 -18.37
CA LYS A 312 24.42 -5.57 -18.25
C LYS A 312 23.34 -4.62 -17.73
N PRO A 313 22.07 -4.89 -18.03
CA PRO A 313 20.98 -4.13 -17.40
C PRO A 313 20.92 -4.43 -15.90
N LEU A 314 20.13 -3.60 -15.20
CA LEU A 314 19.94 -3.80 -13.76
C LEU A 314 19.59 -5.25 -13.44
N ASP A 315 18.62 -5.82 -14.16
CA ASP A 315 18.24 -7.21 -14.00
C ASP A 315 18.19 -7.90 -15.36
N SER A 316 18.68 -9.14 -15.40
CA SER A 316 18.87 -9.86 -16.66
C SER A 316 17.57 -10.28 -17.33
N GLU A 317 16.45 -10.33 -16.60
CA GLU A 317 15.20 -10.78 -17.17
C GLU A 317 14.16 -9.68 -17.24
N CYS A 318 14.32 -8.63 -16.46
CA CYS A 318 13.33 -7.57 -16.35
C CYS A 318 12.95 -7.02 -17.71
N HIS A 319 11.64 -6.83 -17.93
CA HIS A 319 11.13 -6.34 -19.19
C HIS A 319 10.96 -4.81 -19.22
N CYS A 320 11.42 -4.10 -18.19
CA CYS A 320 11.12 -2.68 -18.14
C CYS A 320 11.95 -1.89 -19.16
N ALA A 321 11.51 -0.66 -19.41
CA ALA A 321 12.18 0.17 -20.42
C ALA A 321 13.59 0.52 -20.01
N VAL A 322 13.85 0.61 -18.70
CA VAL A 322 15.20 0.91 -18.25
C VAL A 322 16.14 -0.22 -18.58
N CYS A 323 15.72 -1.46 -18.34
CA CYS A 323 16.57 -2.61 -18.63
C CYS A 323 16.68 -2.88 -20.12
N GLN A 324 15.77 -2.37 -20.94
CA GLN A 324 15.93 -2.51 -22.37
C GLN A 324 16.96 -1.56 -22.94
N LYS A 325 17.27 -0.46 -22.24
N LYS A 325 17.27 -0.46 -22.27
CA LYS A 325 17.91 0.72 -22.85
CA LYS A 325 18.09 0.55 -22.91
C LYS A 325 19.21 1.18 -22.20
C LYS A 325 19.41 0.80 -22.21
N TRP A 326 19.41 0.98 -20.90
CA TRP A 326 20.60 1.49 -20.20
C TRP A 326 21.30 0.43 -19.39
N SER A 327 22.62 0.61 -19.25
CA SER A 327 23.47 -0.30 -18.51
C SER A 327 23.55 0.06 -17.03
N ARG A 328 23.92 -0.94 -16.23
CA ARG A 328 24.33 -0.70 -14.85
C ARG A 328 25.40 0.39 -14.78
N ALA A 329 26.37 0.35 -15.69
CA ALA A 329 27.46 1.33 -15.64
C ALA A 329 26.93 2.75 -15.76
N TYR A 330 25.97 2.98 -16.65
CA TYR A 330 25.43 4.33 -16.81
C TYR A 330 24.64 4.76 -15.58
N ILE A 331 23.81 3.86 -15.05
CA ILE A 331 22.99 4.21 -13.90
C ILE A 331 23.88 4.42 -12.68
N HIS A 332 24.94 3.62 -12.55
CA HIS A 332 25.95 3.81 -11.51
C HIS A 332 26.50 5.23 -11.57
N HIS A 333 26.89 5.67 -12.76
CA HIS A 333 27.40 7.02 -12.94
C HIS A 333 26.37 8.06 -12.53
N LEU A 334 25.12 7.90 -12.99
CA LEU A 334 24.09 8.89 -12.67
C LEU A 334 23.86 9.01 -11.17
N ILE A 335 23.76 7.87 -10.48
CA ILE A 335 23.48 7.92 -9.04
C ILE A 335 24.67 8.50 -8.28
N ARG A 336 25.89 8.12 -8.67
CA ARG A 336 27.07 8.69 -8.03
C ARG A 336 27.17 10.19 -8.25
N ALA A 337 26.73 10.66 -9.42
CA ALA A 337 26.78 12.09 -9.74
C ALA A 337 25.61 12.86 -9.16
N GLY A 338 24.63 12.20 -8.54
CA GLY A 338 23.48 12.89 -8.01
C GLY A 338 22.51 13.36 -9.07
N GLU A 339 22.52 12.74 -10.24
CA GLU A 339 21.70 13.20 -11.34
C GLU A 339 20.25 12.74 -11.21
N ILE A 340 19.33 13.66 -11.53
CA ILE A 340 17.90 13.34 -11.46
C ILE A 340 17.56 12.13 -12.32
N LEU A 341 18.17 12.00 -13.50
CA LEU A 341 17.84 10.85 -14.34
C LEU A 341 18.19 9.54 -13.65
N GLY A 342 19.19 9.53 -12.77
CA GLY A 342 19.45 8.34 -12.00
C GLY A 342 18.27 7.92 -11.13
N ALA A 343 17.68 8.89 -10.42
CA ALA A 343 16.51 8.62 -9.62
C ALA A 343 15.36 8.14 -10.49
N MET A 344 15.16 8.77 -11.65
CA MET A 344 14.08 8.38 -12.56
C MET A 344 14.24 6.93 -13.01
N LEU A 345 15.44 6.56 -13.46
CA LEU A 345 15.64 5.23 -14.01
C LEU A 345 15.57 4.16 -12.92
N MET A 346 16.20 4.41 -11.76
CA MET A 346 16.13 3.44 -10.69
C MET A 346 14.70 3.22 -10.23
N THR A 347 13.91 4.30 -10.14
CA THR A 347 12.56 4.19 -9.63
C THR A 347 11.67 3.45 -10.62
N GLU A 348 11.79 3.78 -11.92
CA GLU A 348 10.98 3.08 -12.91
C GLU A 348 11.29 1.59 -12.91
N HIS A 349 12.57 1.23 -12.87
CA HIS A 349 12.91 -0.18 -12.81
C HIS A 349 12.35 -0.85 -11.56
N ASN A 350 12.53 -0.22 -10.38
CA ASN A 350 12.09 -0.88 -9.14
C ASN A 350 10.58 -1.06 -9.11
N ILE A 351 9.83 -0.04 -9.53
CA ILE A 351 8.38 -0.20 -9.57
C ILE A 351 7.97 -1.25 -10.60
N ALA A 352 8.67 -1.29 -11.75
CA ALA A 352 8.38 -2.33 -12.74
C ALA A 352 8.69 -3.71 -12.19
N PHE A 353 9.81 -3.84 -11.48
CA PHE A 353 10.14 -5.12 -10.84
C PHE A 353 9.04 -5.56 -9.90
N TYR A 354 8.59 -4.66 -9.03
CA TYR A 354 7.49 -4.99 -8.12
C TYR A 354 6.25 -5.44 -8.87
N GLN A 355 5.90 -4.77 -9.96
CA GLN A 355 4.72 -5.17 -10.72
C GLN A 355 4.91 -6.52 -11.38
N GLN A 356 6.13 -6.80 -11.87
CA GLN A 356 6.41 -8.12 -12.43
C GLN A 356 6.32 -9.20 -11.37
N LEU A 357 6.79 -8.90 -10.15
CA LEU A 357 6.57 -9.82 -9.05
C LEU A 357 5.09 -10.09 -8.83
N MET A 358 4.27 -9.04 -8.77
CA MET A 358 2.85 -9.25 -8.56
C MET A 358 2.24 -10.06 -9.70
N GLN A 359 2.68 -9.81 -10.94
CA GLN A 359 2.15 -10.56 -12.08
C GLN A 359 2.51 -12.05 -11.96
N LYS A 360 3.76 -12.34 -11.57
CA LYS A 360 4.16 -13.75 -11.40
C LYS A 360 3.36 -14.40 -10.29
N ILE A 361 3.10 -13.65 -9.21
CA ILE A 361 2.28 -14.17 -8.12
C ILE A 361 0.88 -14.49 -8.63
N ARG A 362 0.25 -13.54 -9.34
CA ARG A 362 -1.11 -13.76 -9.84
C ARG A 362 -1.16 -14.94 -10.80
N ASP A 363 -0.22 -15.02 -11.73
CA ASP A 363 -0.24 -16.10 -12.70
C ASP A 363 0.00 -17.45 -12.02
N SER A 364 0.92 -17.50 -11.06
CA SER A 364 1.19 -18.79 -10.42
C SER A 364 0.00 -19.26 -9.58
N ILE A 365 -0.70 -18.35 -8.90
CA ILE A 365 -1.92 -18.76 -8.18
C ILE A 365 -2.95 -19.26 -9.17
N SER A 366 -3.16 -18.52 -10.27
N SER A 366 -3.15 -18.53 -10.27
CA SER A 366 -4.13 -18.91 -11.27
CA SER A 366 -4.16 -18.94 -11.24
C SER A 366 -3.84 -20.30 -11.81
C SER A 366 -3.84 -20.28 -11.89
N GLU A 367 -2.58 -20.69 -11.87
CA GLU A 367 -2.16 -21.97 -12.42
C GLU A 367 -1.93 -23.03 -11.36
N GLY A 368 -2.20 -22.72 -10.09
CA GLY A 368 -2.02 -23.69 -9.03
C GLY A 368 -0.58 -24.06 -8.75
N ARG A 369 0.36 -23.16 -9.03
CA ARG A 369 1.78 -23.43 -8.82
C ARG A 369 2.43 -22.31 -8.01
N PHE A 370 1.66 -21.63 -7.16
CA PHE A 370 2.22 -20.54 -6.38
C PHE A 370 3.17 -21.04 -5.29
N SER A 371 2.85 -22.15 -4.65
CA SER A 371 3.78 -22.68 -3.64
C SER A 371 5.15 -22.95 -4.25
N GLN A 372 5.17 -23.53 -5.46
CA GLN A 372 6.44 -23.76 -6.13
C GLN A 372 7.10 -22.44 -6.50
N PHE A 373 6.33 -21.47 -7.00
CA PHE A 373 6.90 -20.18 -7.33
C PHE A 373 7.57 -19.55 -6.10
N ALA A 374 6.88 -19.57 -4.95
CA ALA A 374 7.45 -18.97 -3.76
C ALA A 374 8.75 -19.64 -3.37
N GLN A 375 8.81 -20.97 -3.46
CA GLN A 375 10.04 -21.69 -3.14
C GLN A 375 11.15 -21.33 -4.12
N ASP A 376 10.84 -21.34 -5.42
CA ASP A 376 11.85 -21.00 -6.42
C ASP A 376 12.30 -19.56 -6.27
N PHE A 377 11.35 -18.65 -6.03
CA PHE A 377 11.69 -17.25 -5.84
C PHE A 377 12.69 -17.07 -4.70
N ARG A 378 12.43 -17.71 -3.59
N ARG A 378 12.41 -17.70 -3.56
CA ARG A 378 13.27 -17.55 -2.43
CA ARG A 378 13.25 -17.53 -2.38
C ARG A 378 14.66 -18.16 -2.62
C ARG A 378 14.64 -18.14 -2.60
N ALA A 379 14.70 -19.31 -3.24
CA ALA A 379 15.99 -19.96 -3.46
C ALA A 379 16.92 -19.09 -4.29
N ARG A 380 16.37 -18.41 -5.29
CA ARG A 380 17.20 -17.57 -6.15
C ARG A 380 17.46 -16.20 -5.52
N TYR A 381 16.44 -15.59 -4.93
CA TYR A 381 16.58 -14.25 -4.39
C TYR A 381 17.59 -14.21 -3.25
N PHE A 382 17.68 -15.30 -2.47
CA PHE A 382 18.57 -15.37 -1.32
C PHE A 382 19.79 -16.25 -1.56
N ALA A 383 20.10 -16.57 -2.82
CA ALA A 383 21.26 -17.42 -3.12
C ALA A 383 22.58 -16.71 -2.84
O 6HD B . -1.73 0.38 11.26
C6 6HD B . -1.65 1.26 10.40
N2 6HD B . -2.60 2.19 10.24
C5 6HD B . -0.43 1.34 9.54
C4 6HD B . -0.31 2.28 8.50
C3 6HD B . 0.86 2.40 7.78
C7 6HD B . 0.63 0.48 9.82
C8 6HD B . 1.80 0.61 9.09
C2 6HD B . 1.93 1.57 8.08
N1 6HD B . 3.22 1.53 7.54
N3 6HD B . 3.03 -0.01 9.15
C1 6HD B . 3.83 0.57 8.23
N 6HD B . 5.09 0.20 8.06
C 6HD B . 5.97 0.80 7.07
C1 GOL C . -3.49 6.14 -15.83
O1 GOL C . -4.54 5.50 -16.54
C2 GOL C . -3.21 7.48 -16.49
O2 GOL C . -3.90 8.51 -15.84
C3 GOL C . -1.71 7.70 -16.45
O3 GOL C . -1.42 9.01 -16.90
C1 GOL D . 11.76 -16.22 -9.71
O1 GOL D . 13.02 -16.70 -9.26
C2 GOL D . 11.64 -16.45 -11.21
O2 GOL D . 10.28 -16.40 -11.57
C3 GOL D . 12.40 -15.36 -11.93
O3 GOL D . 12.30 -15.55 -13.32
ZN ZN E . 14.15 -3.24 -15.28
C1 EDO F . -15.62 10.33 -4.89
O1 EDO F . -14.35 9.76 -5.23
C2 EDO F . -15.44 11.51 -3.93
O2 EDO F . -15.68 11.11 -2.57
CL CL G . 9.03 7.36 -1.94
#